data_8HDE
#
_entry.id   8HDE
#
_cell.length_a   98.260
_cell.length_b   98.260
_cell.length_c   92.456
_cell.angle_alpha   90.00
_cell.angle_beta   90.00
_cell.angle_gamma   120.00
#
_symmetry.space_group_name_H-M   'P 31 2 1'
#
loop_
_entity.id
_entity.type
_entity.pdbx_description
1 polymer '7-alpha-hydroxysteroid dehydrogenase'
2 non-polymer 1,2-ETHANEDIOL
3 water water
#
_entity_poly.entity_id   1
_entity_poly.type   'polypeptide(L)'
_entity_poly.pdbx_seq_one_letter_code
;SPFHLNDAVAIVTGAAAGIGRAIAGTFAKAGASVVVTDLKSEGAEAVAAAIRQAGGKAIGLECNVTDEQHREAVIKAALD
QFGKITVLVNNAGGGGPKPFDMPMSDFEWAFKLNLFSLFRLSQLAAPHMQKAGGGAILNISSMAGENTNVRMASYGSSKA
AVNHLTRNIAFDVGPMGIRVNAIAPGAIKTDALATVLTPEIERAMLKHKPLGRLGEAQDIANAALFLCSPAAAWISGQVL
TVSGGGVQELD
;
_entity_poly.pdbx_strand_id   A,B
#
loop_
_chem_comp.id
_chem_comp.type
_chem_comp.name
_chem_comp.formula
EDO non-polymer 1,2-ETHANEDIOL 'C2 H6 O2'
#
# COMPACT_ATOMS: atom_id res chain seq x y z
N SER A 1 8.58 -12.55 5.52
CA SER A 1 8.09 -13.90 5.84
C SER A 1 6.85 -14.22 4.97
N PRO A 2 5.83 -13.35 4.95
CA PRO A 2 4.88 -13.36 3.83
C PRO A 2 5.25 -12.40 2.71
N PHE A 3 6.41 -11.76 2.81
CA PHE A 3 6.91 -10.79 1.85
C PHE A 3 7.87 -11.40 0.83
N HIS A 4 7.68 -12.67 0.47
CA HIS A 4 8.52 -13.29 -0.53
C HIS A 4 7.66 -13.82 -1.67
N LEU A 5 8.27 -13.86 -2.86
CA LEU A 5 7.59 -14.33 -4.08
C LEU A 5 8.08 -15.73 -4.42
N ASN A 6 7.92 -16.65 -3.49
CA ASN A 6 8.44 -17.98 -3.72
C ASN A 6 7.60 -18.72 -4.76
N ASP A 7 8.29 -19.55 -5.55
CA ASP A 7 7.67 -20.37 -6.59
C ASP A 7 6.72 -19.55 -7.44
N ALA A 8 7.22 -18.40 -7.89
CA ALA A 8 6.46 -17.46 -8.68
C ALA A 8 7.19 -17.18 -9.97
N VAL A 9 6.43 -16.87 -11.01
CA VAL A 9 6.97 -16.53 -12.31
C VAL A 9 6.41 -15.17 -12.68
N ALA A 10 7.27 -14.16 -12.72
CA ALA A 10 6.85 -12.79 -12.94
C ALA A 10 7.38 -12.29 -14.28
N ILE A 11 6.48 -11.73 -15.09
CA ILE A 11 6.85 -10.96 -16.28
C ILE A 11 6.98 -9.50 -15.88
N VAL A 12 8.12 -8.89 -16.15
CA VAL A 12 8.35 -7.47 -15.89
C VAL A 12 8.73 -6.80 -17.21
N THR A 13 7.89 -5.90 -17.69
CA THR A 13 8.13 -5.28 -18.99
C THR A 13 8.80 -3.93 -18.83
N GLY A 14 9.56 -3.52 -19.84
CA GLY A 14 10.30 -2.27 -19.79
C GLY A 14 11.38 -2.26 -18.71
N ALA A 15 12.02 -3.40 -18.49
CA ALA A 15 12.86 -3.61 -17.33
C ALA A 15 14.35 -3.67 -17.69
N ALA A 16 14.75 -2.97 -18.76
CA ALA A 16 16.18 -2.85 -19.05
C ALA A 16 16.86 -1.93 -18.04
N ALA A 17 16.27 -0.77 -17.76
CA ALA A 17 16.81 0.16 -16.79
C ALA A 17 15.68 0.70 -15.92
N GLY A 18 16.04 1.57 -14.97
CA GLY A 18 15.11 2.34 -14.14
C GLY A 18 14.30 1.57 -13.11
N ILE A 19 13.01 1.91 -13.02
CA ILE A 19 12.10 1.28 -12.05
C ILE A 19 11.93 -0.20 -12.35
N GLY A 20 11.77 -0.53 -13.63
CA GLY A 20 11.60 -1.92 -14.02
C GLY A 20 12.82 -2.76 -13.76
N ARG A 21 14.02 -2.19 -13.94
CA ARG A 21 15.23 -2.92 -13.57
C ARG A 21 15.22 -3.24 -12.09
N ALA A 22 14.91 -2.24 -11.25
CA ALA A 22 14.88 -2.46 -9.81
C ALA A 22 13.83 -3.50 -9.43
N ILE A 23 12.65 -3.44 -10.06
CA ILE A 23 11.59 -4.38 -9.76
C ILE A 23 12.05 -5.80 -10.08
N ALA A 24 12.47 -6.03 -11.32
CA ALA A 24 13.00 -7.32 -11.73
C ALA A 24 14.03 -7.86 -10.75
N GLY A 25 15.01 -7.02 -10.37
CA GLY A 25 16.06 -7.47 -9.48
C GLY A 25 15.52 -7.80 -8.10
N THR A 26 14.74 -6.88 -7.53
CA THR A 26 14.06 -7.14 -6.26
C THR A 26 13.23 -8.42 -6.33
N PHE A 27 12.49 -8.61 -7.41
CA PHE A 27 11.59 -9.76 -7.49
C PHE A 27 12.37 -11.05 -7.52
N ALA A 28 13.53 -11.04 -8.19
CA ALA A 28 14.40 -12.22 -8.24
C ALA A 28 14.90 -12.60 -6.85
N LYS A 29 15.61 -11.70 -6.16
CA LYS A 29 16.07 -12.01 -4.81
C LYS A 29 14.93 -12.47 -3.91
N ALA A 30 13.69 -12.08 -4.21
CA ALA A 30 12.57 -12.47 -3.38
C ALA A 30 12.09 -13.89 -3.68
N GLY A 31 12.63 -14.54 -4.70
CA GLY A 31 12.28 -15.93 -5.00
C GLY A 31 11.64 -16.15 -6.35
N ALA A 32 11.22 -15.12 -7.06
CA ALA A 32 10.54 -15.30 -8.34
C ALA A 32 11.53 -15.63 -9.44
N SER A 33 11.14 -16.54 -10.33
CA SER A 33 11.73 -16.57 -11.66
C SER A 33 11.13 -15.40 -12.43
N VAL A 34 11.96 -14.68 -13.18
CA VAL A 34 11.53 -13.42 -13.77
C VAL A 34 11.77 -13.45 -15.28
N VAL A 35 10.76 -13.04 -16.03
CA VAL A 35 10.88 -12.86 -17.47
C VAL A 35 11.12 -11.37 -17.72
N VAL A 36 12.37 -11.00 -17.95
CA VAL A 36 12.73 -9.60 -18.10
C VAL A 36 12.53 -9.16 -19.54
N THR A 37 11.86 -8.05 -19.72
CA THR A 37 11.40 -7.63 -21.03
C THR A 37 11.72 -6.16 -21.22
N ASP A 38 12.12 -5.80 -22.44
CA ASP A 38 12.28 -4.40 -22.78
C ASP A 38 12.26 -4.25 -24.29
N LEU A 39 12.03 -3.02 -24.73
CA LEU A 39 12.19 -2.71 -26.14
C LEU A 39 13.56 -3.13 -26.64
N LYS A 40 14.60 -2.76 -25.90
CA LYS A 40 15.96 -3.13 -26.26
C LYS A 40 16.19 -4.56 -25.80
N SER A 41 16.34 -5.50 -26.74
CA SER A 41 16.51 -6.89 -26.37
C SER A 41 17.76 -7.10 -25.51
N GLU A 42 18.88 -6.51 -25.90
CA GLU A 42 20.10 -6.79 -25.15
C GLU A 42 20.13 -6.08 -23.82
N GLY A 43 19.41 -4.95 -23.68
CA GLY A 43 19.24 -4.37 -22.37
C GLY A 43 18.52 -5.32 -21.41
N ALA A 44 17.53 -6.06 -21.92
CA ALA A 44 16.83 -7.03 -21.09
C ALA A 44 17.71 -8.21 -20.79
N GLU A 45 18.52 -8.65 -21.76
CA GLU A 45 19.40 -9.80 -21.54
C GLU A 45 20.44 -9.52 -20.48
N ALA A 46 20.94 -8.28 -20.42
CA ALA A 46 21.91 -7.93 -19.39
C ALA A 46 21.30 -7.99 -18.01
N VAL A 47 20.04 -7.55 -17.87
CA VAL A 47 19.38 -7.66 -16.57
C VAL A 47 19.18 -9.12 -16.20
N ALA A 48 18.66 -9.93 -17.12
CA ALA A 48 18.44 -11.34 -16.83
C ALA A 48 19.72 -12.05 -16.41
N ALA A 49 20.84 -11.72 -17.07
CA ALA A 49 22.09 -12.42 -16.77
C ALA A 49 22.63 -12.02 -15.40
N ALA A 50 22.44 -10.76 -15.00
CA ALA A 50 22.84 -10.36 -13.65
C ALA A 50 22.07 -11.13 -12.59
N ILE A 51 20.73 -11.17 -12.71
CA ILE A 51 19.90 -11.95 -11.79
C ILE A 51 20.38 -13.39 -11.74
N ARG A 52 20.71 -13.97 -12.90
CA ARG A 52 21.13 -15.36 -12.93
C ARG A 52 22.43 -15.55 -12.18
N GLN A 53 23.41 -14.69 -12.43
CA GLN A 53 24.71 -14.85 -11.81
C GLN A 53 24.75 -14.31 -10.39
N ALA A 54 23.79 -13.46 -10.01
CA ALA A 54 23.58 -13.13 -8.61
C ALA A 54 22.83 -14.21 -7.84
N GLY A 55 22.48 -15.33 -8.48
CA GLY A 55 21.86 -16.45 -7.80
C GLY A 55 20.45 -16.77 -8.22
N GLY A 56 19.81 -15.96 -9.06
CA GLY A 56 18.43 -16.16 -9.42
C GLY A 56 18.23 -16.90 -10.75
N LYS A 57 16.95 -17.10 -11.08
CA LYS A 57 16.51 -17.56 -12.38
C LYS A 57 15.86 -16.38 -13.11
N ALA A 58 16.08 -16.30 -14.43
CA ALA A 58 15.55 -15.22 -15.27
C ALA A 58 15.99 -15.39 -16.72
N ILE A 59 15.17 -14.91 -17.66
CA ILE A 59 15.55 -14.79 -19.06
C ILE A 59 15.18 -13.38 -19.51
N GLY A 60 15.73 -12.98 -20.63
CA GLY A 60 15.49 -11.64 -21.17
C GLY A 60 15.01 -11.69 -22.60
N LEU A 61 14.04 -10.83 -22.91
CA LEU A 61 13.31 -10.89 -24.16
C LEU A 61 13.24 -9.51 -24.79
N GLU A 62 13.27 -9.47 -26.12
CA GLU A 62 12.77 -8.28 -26.80
C GLU A 62 11.26 -8.33 -26.72
N CYS A 63 10.64 -7.18 -26.47
CA CYS A 63 9.19 -7.09 -26.55
C CYS A 63 8.74 -5.65 -26.75
N ASN A 64 8.08 -5.39 -27.86
CA ASN A 64 7.35 -4.15 -28.05
C ASN A 64 5.92 -4.37 -27.57
N VAL A 65 5.54 -3.73 -26.46
CA VAL A 65 4.25 -4.04 -25.86
C VAL A 65 3.09 -3.56 -26.74
N THR A 66 3.34 -2.66 -27.68
CA THR A 66 2.26 -2.20 -28.52
C THR A 66 1.94 -3.17 -29.66
N ASP A 67 2.78 -4.19 -29.87
CA ASP A 67 2.62 -5.15 -30.96
C ASP A 67 2.09 -6.48 -30.43
N GLU A 68 0.96 -6.93 -30.98
CA GLU A 68 0.31 -8.13 -30.49
C GLU A 68 1.15 -9.39 -30.72
N GLN A 69 1.98 -9.41 -31.77
CA GLN A 69 2.81 -10.59 -31.99
C GLN A 69 3.87 -10.72 -30.89
N HIS A 70 4.43 -9.60 -30.46
CA HIS A 70 5.42 -9.62 -29.38
C HIS A 70 4.78 -10.06 -28.08
N ARG A 71 3.65 -9.43 -27.74
CA ARG A 71 2.90 -9.75 -26.54
C ARG A 71 2.69 -11.26 -26.40
N GLU A 72 2.28 -11.90 -27.48
CA GLU A 72 2.07 -13.34 -27.45
C GLU A 72 3.39 -14.08 -27.33
N ALA A 73 4.43 -13.61 -28.02
CA ALA A 73 5.74 -14.23 -27.85
C ALA A 73 6.17 -14.21 -26.39
N VAL A 74 6.03 -13.07 -25.72
CA VAL A 74 6.51 -12.98 -24.35
C VAL A 74 5.74 -13.93 -23.45
N ILE A 75 4.40 -13.96 -23.61
CA ILE A 75 3.56 -14.87 -22.84
C ILE A 75 3.99 -16.33 -23.07
N LYS A 76 4.21 -16.71 -24.34
CA LYS A 76 4.64 -18.08 -24.62
C LYS A 76 6.04 -18.32 -24.12
N ALA A 77 6.93 -17.33 -24.27
CA ALA A 77 8.29 -17.45 -23.78
C ALA A 77 8.31 -17.68 -22.28
N ALA A 78 7.39 -17.07 -21.54
CA ALA A 78 7.35 -17.29 -20.09
C ALA A 78 6.92 -18.72 -19.76
N LEU A 79 5.93 -19.24 -20.49
CA LEU A 79 5.42 -20.58 -20.20
C LEU A 79 6.43 -21.65 -20.60
N ASP A 80 6.96 -21.57 -21.83
CA ASP A 80 7.98 -22.52 -22.25
C ASP A 80 9.15 -22.53 -21.28
N GLN A 81 9.49 -21.37 -20.71
CA GLN A 81 10.68 -21.28 -19.88
C GLN A 81 10.43 -21.74 -18.45
N PHE A 82 9.28 -21.39 -17.86
CA PHE A 82 9.06 -21.61 -16.42
C PHE A 82 7.79 -22.36 -16.06
N GLY A 83 6.98 -22.78 -17.03
CA GLY A 83 5.81 -23.61 -16.76
C GLY A 83 4.55 -22.88 -16.36
N LYS A 84 4.64 -21.64 -15.88
CA LYS A 84 3.47 -20.94 -15.40
C LYS A 84 3.75 -19.44 -15.44
N ILE A 85 2.70 -18.65 -15.24
CA ILE A 85 2.79 -17.21 -15.04
C ILE A 85 1.93 -16.90 -13.82
N THR A 86 2.49 -16.22 -12.83
CA THR A 86 1.69 -15.80 -11.70
C THR A 86 1.74 -14.32 -11.37
N VAL A 87 2.76 -13.57 -11.81
CA VAL A 87 2.85 -12.13 -11.59
C VAL A 87 3.09 -11.43 -12.93
N LEU A 88 2.40 -10.31 -13.16
CA LEU A 88 2.58 -9.48 -14.35
C LEU A 88 2.79 -8.04 -13.94
N VAL A 89 3.95 -7.48 -14.24
CA VAL A 89 4.23 -6.11 -13.86
C VAL A 89 4.30 -5.27 -15.14
N ASN A 90 3.26 -4.48 -15.38
CA ASN A 90 3.10 -3.72 -16.63
C ASN A 90 3.84 -2.41 -16.46
N ASN A 91 5.13 -2.39 -16.77
CA ASN A 91 5.92 -1.21 -16.43
C ASN A 91 6.24 -0.33 -17.63
N ALA A 92 6.45 -0.93 -18.80
CA ALA A 92 6.67 -0.19 -20.03
C ALA A 92 5.55 0.82 -20.28
N GLY A 93 5.90 1.91 -20.94
CA GLY A 93 5.02 3.03 -21.19
C GLY A 93 5.81 4.32 -21.31
N GLY A 94 5.23 5.28 -22.00
CA GLY A 94 6.00 6.48 -22.31
C GLY A 94 5.18 7.75 -22.40
N GLY A 95 5.76 8.75 -23.06
CA GLY A 95 5.11 10.02 -23.26
C GLY A 95 5.45 11.05 -22.21
N GLY A 96 4.74 12.17 -22.29
CA GLY A 96 4.99 13.29 -21.42
C GLY A 96 4.32 14.54 -21.94
N PRO A 97 4.80 15.70 -21.53
CA PRO A 97 4.15 16.95 -21.91
C PRO A 97 4.00 17.06 -23.42
N LYS A 98 2.86 17.58 -23.84
CA LYS A 98 2.54 17.73 -25.26
C LYS A 98 1.63 18.95 -25.40
N PRO A 99 1.73 19.69 -26.51
CA PRO A 99 0.81 20.80 -26.72
C PRO A 99 -0.61 20.29 -26.95
N PHE A 100 -1.56 21.16 -26.66
CA PHE A 100 -2.96 20.79 -26.87
C PHE A 100 -3.27 20.59 -28.36
N ASP A 101 -2.62 21.36 -29.25
CA ASP A 101 -2.83 21.19 -30.68
C ASP A 101 -2.00 20.05 -31.25
N MET A 102 -1.63 19.08 -30.43
CA MET A 102 -0.82 17.96 -30.86
C MET A 102 -1.49 17.20 -31.99
N PRO A 103 -0.71 16.51 -32.80
CA PRO A 103 -1.30 15.61 -33.80
C PRO A 103 -2.01 14.44 -33.12
N MET A 104 -3.13 14.03 -33.71
CA MET A 104 -3.89 12.96 -33.09
C MET A 104 -3.11 11.66 -33.04
N SER A 105 -2.08 11.50 -33.85
CA SER A 105 -1.28 10.30 -33.77
C SER A 105 -0.56 10.20 -32.43
N ASP A 106 -0.18 11.35 -31.86
CA ASP A 106 0.50 11.36 -30.57
C ASP A 106 -0.47 11.01 -29.44
N PHE A 107 -1.62 11.71 -29.40
CA PHE A 107 -2.69 11.41 -28.46
C PHE A 107 -3.03 9.92 -28.47
N GLU A 108 -3.27 9.38 -29.66
CA GLU A 108 -3.68 8.00 -29.78
C GLU A 108 -2.59 7.07 -29.33
N TRP A 109 -1.34 7.38 -29.71
CA TRP A 109 -0.19 6.56 -29.33
C TRP A 109 -0.11 6.42 -27.82
N ALA A 110 -0.28 7.52 -27.10
CA ALA A 110 -0.18 7.49 -25.64
C ALA A 110 -1.15 6.48 -25.06
N PHE A 111 -2.35 6.39 -25.61
CA PHE A 111 -3.27 5.37 -25.13
C PHE A 111 -2.83 3.98 -25.61
N LYS A 112 -2.31 3.89 -26.83
CA LYS A 112 -1.87 2.60 -27.35
C LYS A 112 -0.73 2.02 -26.49
N LEU A 113 0.19 2.88 -26.06
CA LEU A 113 1.41 2.52 -25.33
C LEU A 113 1.18 2.39 -23.83
N ASN A 114 0.44 3.33 -23.22
CA ASN A 114 0.25 3.31 -21.78
C ASN A 114 -0.96 2.50 -21.32
N LEU A 115 -1.95 2.27 -22.19
CA LEU A 115 -3.21 1.63 -21.80
C LEU A 115 -3.47 0.33 -22.52
N PHE A 116 -3.65 0.35 -23.85
CA PHE A 116 -4.05 -0.85 -24.58
C PHE A 116 -3.06 -2.00 -24.37
N SER A 117 -1.76 -1.69 -24.45
CA SER A 117 -0.73 -2.71 -24.28
C SER A 117 -0.89 -3.45 -22.94
N LEU A 118 -1.03 -2.71 -21.84
CA LEU A 118 -1.08 -3.41 -20.55
C LEU A 118 -2.40 -4.11 -20.33
N PHE A 119 -3.51 -3.57 -20.86
CA PHE A 119 -4.75 -4.33 -20.82
C PHE A 119 -4.67 -5.60 -21.64
N ARG A 120 -4.06 -5.52 -22.82
CA ARG A 120 -3.93 -6.73 -23.63
C ARG A 120 -3.06 -7.76 -22.93
N LEU A 121 -1.92 -7.33 -22.37
CA LEU A 121 -1.05 -8.25 -21.65
C LEU A 121 -1.74 -8.81 -20.41
N SER A 122 -2.66 -8.03 -19.82
CA SER A 122 -3.49 -8.55 -18.76
C SER A 122 -4.42 -9.64 -19.28
N GLN A 123 -5.01 -9.42 -20.45
CA GLN A 123 -5.92 -10.42 -21.00
C GLN A 123 -5.19 -11.72 -21.27
N LEU A 124 -4.02 -11.64 -21.90
CA LEU A 124 -3.28 -12.86 -22.24
C LEU A 124 -2.86 -13.63 -20.99
N ALA A 125 -2.59 -12.94 -19.90
CA ALA A 125 -2.04 -13.60 -18.71
C ALA A 125 -3.10 -14.16 -17.78
N ALA A 126 -4.28 -13.55 -17.73
CA ALA A 126 -5.30 -13.96 -16.75
C ALA A 126 -5.60 -15.45 -16.76
N PRO A 127 -5.87 -16.11 -17.90
CA PRO A 127 -6.16 -17.55 -17.84
C PRO A 127 -5.03 -18.38 -17.26
N HIS A 128 -3.79 -18.05 -17.60
CA HIS A 128 -2.66 -18.80 -17.08
C HIS A 128 -2.46 -18.55 -15.59
N MET A 129 -2.73 -17.32 -15.15
CA MET A 129 -2.73 -17.01 -13.73
C MET A 129 -3.75 -17.86 -12.97
N GLN A 130 -4.89 -18.15 -13.59
CA GLN A 130 -5.90 -18.90 -12.86
C GLN A 130 -5.52 -20.39 -12.77
N LYS A 131 -5.03 -20.96 -13.87
CA LYS A 131 -4.53 -22.32 -13.86
C LYS A 131 -3.41 -22.51 -12.83
N ALA A 132 -2.65 -21.45 -12.55
CA ALA A 132 -1.51 -21.48 -11.65
C ALA A 132 -1.89 -21.32 -10.18
N GLY A 133 -3.17 -21.12 -9.88
CA GLY A 133 -3.65 -21.02 -8.52
C GLY A 133 -3.84 -19.61 -8.00
N GLY A 134 -3.52 -18.60 -8.80
CA GLY A 134 -3.76 -17.23 -8.41
C GLY A 134 -2.60 -16.38 -8.86
N GLY A 135 -2.77 -15.06 -8.85
CA GLY A 135 -1.64 -14.21 -9.18
C GLY A 135 -1.98 -12.76 -8.97
N ALA A 136 -1.00 -11.91 -9.27
CA ALA A 136 -1.17 -10.47 -9.13
C ALA A 136 -0.78 -9.75 -10.42
N ILE A 137 -1.52 -8.69 -10.72
CA ILE A 137 -1.14 -7.73 -11.74
C ILE A 137 -0.83 -6.40 -11.07
N LEU A 138 0.33 -5.83 -11.40
CA LEU A 138 0.75 -4.52 -10.94
C LEU A 138 0.99 -3.61 -12.15
N ASN A 139 0.32 -2.47 -12.17
CA ASN A 139 0.47 -1.50 -13.25
C ASN A 139 1.26 -0.31 -12.73
N ILE A 140 2.37 0.00 -13.41
CA ILE A 140 3.14 1.19 -13.09
C ILE A 140 2.53 2.35 -13.84
N SER A 141 1.95 3.28 -13.09
CA SER A 141 1.11 4.33 -13.60
C SER A 141 1.89 5.65 -13.53
N SER A 142 1.33 6.71 -12.98
CA SER A 142 2.00 8.00 -12.90
C SER A 142 1.14 8.93 -12.07
N MET A 143 1.76 9.81 -11.29
CA MET A 143 0.90 10.74 -10.57
C MET A 143 0.14 11.68 -11.50
N ALA A 144 0.53 11.75 -12.78
CA ALA A 144 -0.24 12.55 -13.74
C ALA A 144 -1.66 12.02 -13.93
N GLY A 145 -1.92 10.77 -13.51
CA GLY A 145 -3.27 10.22 -13.59
C GLY A 145 -4.26 10.84 -12.62
N GLU A 146 -3.78 11.42 -11.52
CA GLU A 146 -4.66 12.15 -10.61
C GLU A 146 -4.33 13.63 -10.50
N ASN A 147 -3.20 14.06 -11.05
CA ASN A 147 -2.83 15.47 -11.11
C ASN A 147 -3.40 16.12 -12.37
N THR A 148 -3.62 17.43 -12.31
CA THR A 148 -4.13 18.20 -13.44
C THR A 148 -3.19 19.37 -13.70
N ASN A 149 -2.87 19.59 -14.98
CA ASN A 149 -1.80 20.54 -15.35
C ASN A 149 -1.87 20.83 -16.84
N VAL A 150 -1.09 21.85 -17.27
CA VAL A 150 -0.93 22.15 -18.69
C VAL A 150 -0.23 20.98 -19.36
N ARG A 151 -0.49 20.81 -20.66
CA ARG A 151 0.33 19.95 -21.52
C ARG A 151 0.23 18.47 -21.17
N MET A 152 -0.84 18.07 -20.50
CA MET A 152 -0.98 16.71 -19.99
C MET A 152 -2.12 15.97 -20.66
N ALA A 153 -2.59 16.50 -21.80
CA ALA A 153 -3.81 16.01 -22.44
C ALA A 153 -3.73 14.53 -22.81
N SER A 154 -2.63 14.13 -23.47
CA SER A 154 -2.48 12.73 -23.81
C SER A 154 -1.94 11.93 -22.62
N TYR A 155 -0.87 12.43 -21.98
CA TYR A 155 -0.19 11.67 -20.95
C TYR A 155 -1.04 11.56 -19.70
N GLY A 156 -1.57 12.70 -19.24
CA GLY A 156 -2.33 12.69 -18.00
C GLY A 156 -3.57 11.84 -18.07
N SER A 157 -4.23 11.79 -19.22
CA SER A 157 -5.51 11.08 -19.27
C SER A 157 -5.35 9.62 -19.68
N SER A 158 -4.34 9.28 -20.46
CA SER A 158 -4.00 7.86 -20.61
C SER A 158 -3.65 7.27 -19.25
N LYS A 159 -2.75 7.92 -18.50
CA LYS A 159 -2.40 7.36 -17.20
C LYS A 159 -3.61 7.34 -16.27
N ALA A 160 -4.54 8.28 -16.43
CA ALA A 160 -5.75 8.23 -15.62
C ALA A 160 -6.61 7.04 -16.00
N ALA A 161 -6.64 6.70 -17.30
CA ALA A 161 -7.29 5.47 -17.72
C ALA A 161 -6.67 4.25 -17.06
N VAL A 162 -5.34 4.22 -16.94
CA VAL A 162 -4.66 3.08 -16.32
C VAL A 162 -5.10 2.93 -14.86
N ASN A 163 -5.29 4.06 -14.16
CA ASN A 163 -5.74 4.00 -12.78
C ASN A 163 -7.14 3.40 -12.69
N HIS A 164 -8.09 3.88 -13.49
CA HIS A 164 -9.45 3.37 -13.32
C HIS A 164 -9.62 1.99 -13.91
N LEU A 165 -8.90 1.68 -14.99
CA LEU A 165 -8.89 0.31 -15.47
C LEU A 165 -8.46 -0.63 -14.34
N THR A 166 -7.37 -0.28 -13.66
CA THR A 166 -6.89 -1.02 -12.49
C THR A 166 -8.03 -1.28 -11.52
N ARG A 167 -8.70 -0.20 -11.10
CA ARG A 167 -9.81 -0.35 -10.17
C ARG A 167 -10.92 -1.20 -10.75
N ASN A 168 -11.16 -1.09 -12.07
CA ASN A 168 -12.32 -1.76 -12.66
C ASN A 168 -12.06 -3.23 -12.99
N ILE A 169 -10.92 -3.59 -13.59
CA ILE A 169 -10.70 -5.02 -13.83
C ILE A 169 -10.41 -5.80 -12.56
N ALA A 170 -10.16 -5.12 -11.44
CA ALA A 170 -10.03 -5.82 -10.19
C ALA A 170 -11.30 -6.60 -9.87
N PHE A 171 -12.46 -6.00 -10.14
CA PHE A 171 -13.74 -6.70 -10.02
C PHE A 171 -13.84 -7.86 -11.00
N ASP A 172 -13.24 -7.73 -12.18
CA ASP A 172 -13.43 -8.75 -13.21
C ASP A 172 -12.62 -10.01 -12.90
N VAL A 173 -11.37 -9.88 -12.49
CA VAL A 173 -10.51 -11.06 -12.37
C VAL A 173 -10.35 -11.52 -10.93
N GLY A 174 -10.90 -10.77 -9.97
CA GLY A 174 -10.91 -11.20 -8.60
C GLY A 174 -11.49 -12.60 -8.45
N PRO A 175 -12.67 -12.84 -9.03
CA PRO A 175 -13.25 -14.19 -9.02
C PRO A 175 -12.32 -15.26 -9.57
N MET A 176 -11.25 -14.89 -10.27
CA MET A 176 -10.24 -15.84 -10.72
C MET A 176 -9.03 -15.86 -9.80
N GLY A 177 -9.18 -15.34 -8.59
CA GLY A 177 -8.05 -15.19 -7.69
C GLY A 177 -6.90 -14.38 -8.24
N ILE A 178 -7.20 -13.30 -8.94
CA ILE A 178 -6.18 -12.40 -9.47
C ILE A 178 -6.39 -11.05 -8.81
N ARG A 179 -5.33 -10.52 -8.21
CA ARG A 179 -5.33 -9.15 -7.73
C ARG A 179 -4.79 -8.23 -8.81
N VAL A 180 -5.33 -7.02 -8.87
CA VAL A 180 -4.85 -5.99 -9.78
C VAL A 180 -4.69 -4.70 -9.00
N ASN A 181 -3.46 -4.16 -9.01
CA ASN A 181 -3.14 -2.90 -8.33
C ASN A 181 -2.20 -2.08 -9.20
N ALA A 182 -2.00 -0.84 -8.77
CA ALA A 182 -1.11 0.08 -9.47
C ALA A 182 -0.25 0.82 -8.45
N ILE A 183 0.91 1.27 -8.94
CA ILE A 183 1.81 2.18 -8.22
C ILE A 183 1.97 3.44 -9.06
N ALA A 184 1.63 4.59 -8.49
CA ALA A 184 1.89 5.88 -9.09
C ALA A 184 3.17 6.45 -8.49
N PRO A 185 4.30 6.38 -9.18
CA PRO A 185 5.54 6.93 -8.62
C PRO A 185 5.64 8.42 -8.86
N GLY A 186 6.29 9.10 -7.90
CA GLY A 186 6.53 10.51 -8.02
C GLY A 186 7.81 10.83 -8.76
N ALA A 187 8.63 11.69 -8.17
CA ALA A 187 9.88 12.09 -8.80
C ALA A 187 10.95 11.10 -8.35
N ILE A 188 11.29 10.16 -9.22
CA ILE A 188 12.31 9.16 -8.95
C ILE A 188 13.60 9.61 -9.63
N LYS A 189 14.70 9.65 -8.87
CA LYS A 189 15.98 9.85 -9.52
C LYS A 189 16.29 8.55 -10.25
N THR A 190 16.14 8.57 -11.57
CA THR A 190 16.37 7.39 -12.37
C THR A 190 17.82 7.37 -12.84
N ASP A 191 18.12 8.18 -13.86
CA ASP A 191 19.43 8.28 -14.47
C ASP A 191 20.37 9.07 -13.56
N GLU A 200 20.24 20.68 -10.48
CA GLU A 200 20.80 21.79 -9.72
C GLU A 200 19.69 22.70 -9.23
N ILE A 201 18.83 23.12 -10.16
CA ILE A 201 17.58 23.79 -9.82
C ILE A 201 16.57 22.70 -9.54
N GLU A 202 17.07 21.47 -9.43
CA GLU A 202 16.49 20.35 -8.68
C GLU A 202 15.68 20.76 -7.45
N ARG A 203 16.14 21.79 -6.75
CA ARG A 203 15.52 22.20 -5.51
C ARG A 203 14.06 22.62 -5.68
N ALA A 204 13.55 22.71 -6.91
CA ALA A 204 12.15 23.04 -7.12
C ALA A 204 11.24 22.01 -6.48
N MET A 205 11.35 20.78 -6.93
CA MET A 205 10.53 19.70 -6.42
C MET A 205 10.69 19.53 -4.96
N LEU A 206 11.92 19.50 -4.53
CA LEU A 206 12.20 19.28 -3.11
C LEU A 206 11.44 20.26 -2.22
N LYS A 207 11.17 21.47 -2.73
CA LYS A 207 10.39 22.44 -1.96
C LYS A 207 8.91 22.07 -1.88
N HIS A 208 8.55 20.86 -2.34
CA HIS A 208 7.17 20.40 -2.24
C HIS A 208 7.09 18.91 -1.94
N LYS A 209 8.21 18.33 -1.50
CA LYS A 209 8.24 16.93 -1.09
C LYS A 209 8.47 16.93 0.41
N PRO A 210 7.44 16.55 1.19
CA PRO A 210 7.57 16.71 2.64
C PRO A 210 8.72 15.93 3.27
N LEU A 211 9.22 14.87 2.64
CA LEU A 211 10.27 14.06 3.24
C LEU A 211 11.68 14.46 2.80
N GLY A 212 11.81 15.56 2.06
CA GLY A 212 13.11 16.15 1.74
C GLY A 212 14.08 15.21 1.07
N ARG A 213 13.76 14.83 -0.17
CA ARG A 213 14.36 13.66 -0.79
C ARG A 213 13.62 13.32 -2.08
N LEU A 214 14.35 12.96 -3.12
CA LEU A 214 13.71 12.34 -4.25
C LEU A 214 13.64 10.83 -4.03
N GLY A 215 12.86 10.17 -4.88
CA GLY A 215 12.71 8.73 -4.80
C GLY A 215 13.77 8.00 -5.61
N GLU A 216 14.19 6.86 -5.09
CA GLU A 216 15.03 5.94 -5.84
C GLU A 216 14.17 4.84 -6.46
N ALA A 217 14.79 4.09 -7.35
CA ALA A 217 14.06 2.99 -7.97
C ALA A 217 13.62 1.97 -6.93
N GLN A 218 14.46 1.72 -5.92
CA GLN A 218 14.16 0.65 -4.98
C GLN A 218 12.94 0.96 -4.12
N ASP A 219 12.68 2.25 -3.84
CA ASP A 219 11.43 2.63 -3.21
C ASP A 219 10.24 2.06 -3.98
N ILE A 220 10.17 2.35 -5.29
CA ILE A 220 9.12 1.80 -6.12
C ILE A 220 9.13 0.27 -6.09
N ALA A 221 10.33 -0.33 -6.07
CA ALA A 221 10.39 -1.80 -6.10
C ALA A 221 9.91 -2.41 -4.79
N ASN A 222 10.14 -1.74 -3.66
CA ASN A 222 9.66 -2.27 -2.39
C ASN A 222 8.15 -2.32 -2.35
N ALA A 223 7.49 -1.26 -2.83
CA ALA A 223 6.04 -1.26 -2.86
C ALA A 223 5.52 -2.29 -3.86
N ALA A 224 6.18 -2.37 -5.02
CA ALA A 224 5.94 -3.43 -5.99
C ALA A 224 5.98 -4.80 -5.34
N LEU A 225 7.07 -5.09 -4.64
CA LEU A 225 7.24 -6.41 -4.03
C LEU A 225 6.12 -6.71 -3.04
N PHE A 226 5.78 -5.72 -2.20
CA PHE A 226 4.66 -5.88 -1.29
C PHE A 226 3.38 -6.22 -2.02
N LEU A 227 3.00 -5.40 -3.01
CA LEU A 227 1.68 -5.56 -3.61
C LEU A 227 1.54 -6.83 -4.45
N CYS A 228 2.64 -7.48 -4.80
CA CYS A 228 2.58 -8.75 -5.53
C CYS A 228 2.84 -9.94 -4.62
N SER A 229 3.17 -9.69 -3.35
CA SER A 229 3.49 -10.66 -2.32
C SER A 229 2.24 -11.18 -1.65
N PRO A 230 2.31 -12.37 -1.02
CA PRO A 230 1.18 -12.85 -0.21
C PRO A 230 0.86 -11.94 0.97
N ALA A 231 1.75 -11.01 1.31
CA ALA A 231 1.45 -9.99 2.31
C ALA A 231 0.33 -9.06 1.88
N ALA A 232 -0.08 -9.12 0.62
CA ALA A 232 -1.15 -8.30 0.05
C ALA A 232 -2.11 -9.15 -0.75
N ALA A 233 -2.39 -10.37 -0.27
CA ALA A 233 -3.29 -11.29 -0.96
C ALA A 233 -4.74 -10.79 -0.97
N TRP A 234 -5.09 -9.84 -0.10
CA TRP A 234 -6.44 -9.33 0.02
C TRP A 234 -6.49 -7.83 -0.31
N ILE A 235 -5.54 -7.35 -1.12
CA ILE A 235 -5.52 -5.97 -1.60
C ILE A 235 -5.70 -5.99 -3.11
N SER A 236 -6.63 -5.16 -3.61
CA SER A 236 -6.98 -5.15 -5.03
C SER A 236 -7.66 -3.83 -5.40
N GLY A 237 -7.49 -3.44 -6.66
CA GLY A 237 -8.06 -2.20 -7.18
C GLY A 237 -7.54 -0.94 -6.51
N GLN A 238 -6.25 -0.93 -6.14
CA GLN A 238 -5.63 0.16 -5.41
C GLN A 238 -4.65 0.91 -6.29
N VAL A 239 -4.54 2.21 -6.05
CA VAL A 239 -3.51 3.01 -6.68
C VAL A 239 -2.68 3.60 -5.54
N LEU A 240 -1.56 2.94 -5.22
CA LEU A 240 -0.70 3.38 -4.12
C LEU A 240 0.29 4.39 -4.67
N THR A 241 0.15 5.65 -4.26
CA THR A 241 1.07 6.70 -4.68
C THR A 241 2.32 6.69 -3.81
N VAL A 242 3.49 6.71 -4.44
CA VAL A 242 4.78 6.54 -3.75
C VAL A 242 5.64 7.74 -4.09
N SER A 243 5.49 8.84 -3.31
CA SER A 243 5.92 10.15 -3.75
C SER A 243 6.56 11.02 -2.66
N GLY A 244 6.94 10.46 -1.52
CA GLY A 244 7.51 11.28 -0.47
C GLY A 244 6.51 12.19 0.22
N GLY A 245 5.23 11.90 0.12
CA GLY A 245 4.22 12.69 0.78
C GLY A 245 3.75 13.91 0.03
N GLY A 246 4.19 14.11 -1.21
CA GLY A 246 3.72 15.27 -1.94
C GLY A 246 3.59 15.05 -3.42
N VAL A 247 3.70 16.13 -4.20
CA VAL A 247 3.54 16.14 -5.65
C VAL A 247 4.70 16.90 -6.29
N GLN A 248 5.18 16.43 -7.45
CA GLN A 248 6.33 17.03 -8.14
C GLN A 248 6.06 17.11 -9.64
N GLU A 249 5.57 18.26 -10.09
CA GLU A 249 5.33 18.47 -11.51
C GLU A 249 6.10 19.70 -12.01
N SER B 1 15.98 -7.89 4.22
CA SER B 1 14.58 -7.51 4.32
C SER B 1 14.40 -6.13 4.94
N PRO B 2 13.64 -5.27 4.28
CA PRO B 2 13.26 -3.99 4.88
C PRO B 2 11.92 -4.01 5.58
N PHE B 3 11.20 -5.14 5.50
CA PHE B 3 9.93 -5.34 6.20
C PHE B 3 10.12 -5.78 7.64
N HIS B 4 11.14 -5.30 8.33
CA HIS B 4 11.35 -5.62 9.72
C HIS B 4 11.40 -4.33 10.52
N LEU B 5 11.11 -4.45 11.82
CA LEU B 5 10.95 -3.28 12.67
C LEU B 5 12.06 -3.17 13.72
N ASN B 6 13.30 -3.36 13.31
CA ASN B 6 14.38 -3.53 14.25
C ASN B 6 14.70 -2.21 14.96
N ASP B 7 14.91 -2.30 16.28
CA ASP B 7 15.21 -1.14 17.13
C ASP B 7 14.05 -0.14 17.16
N ALA B 8 12.82 -0.64 17.23
CA ALA B 8 11.64 0.21 17.17
C ALA B 8 10.75 0.00 18.39
N VAL B 9 10.22 1.12 18.89
CA VAL B 9 9.17 1.15 19.91
C VAL B 9 7.89 1.60 19.23
N ALA B 10 6.87 0.76 19.30
CA ALA B 10 5.58 1.01 18.67
C ALA B 10 4.48 1.03 19.71
N ILE B 11 3.77 2.17 19.79
CA ILE B 11 2.51 2.25 20.51
C ILE B 11 1.35 1.81 19.62
N VAL B 12 0.55 0.87 20.09
CA VAL B 12 -0.61 0.35 19.35
C VAL B 12 -1.86 0.48 20.23
N THR B 13 -2.79 1.36 19.83
CA THR B 13 -3.98 1.61 20.63
C THR B 13 -5.15 0.74 20.15
N GLY B 14 -6.13 0.56 21.04
CA GLY B 14 -7.25 -0.31 20.74
C GLY B 14 -6.86 -1.73 20.36
N ALA B 15 -5.83 -2.28 21.01
CA ALA B 15 -5.18 -3.48 20.52
C ALA B 15 -5.55 -4.75 21.30
N ALA B 16 -6.68 -4.75 21.99
CA ALA B 16 -7.05 -5.95 22.73
C ALA B 16 -7.57 -7.05 21.80
N ALA B 17 -8.12 -6.69 20.65
CA ALA B 17 -8.71 -7.69 19.76
C ALA B 17 -8.61 -7.23 18.31
N GLY B 18 -8.94 -8.15 17.41
CA GLY B 18 -9.00 -7.84 15.99
C GLY B 18 -7.74 -7.19 15.45
N ILE B 19 -7.95 -6.16 14.63
CA ILE B 19 -6.87 -5.58 13.86
C ILE B 19 -5.72 -5.16 14.77
N GLY B 20 -6.02 -4.32 15.76
CA GLY B 20 -4.97 -3.80 16.62
C GLY B 20 -4.21 -4.87 17.37
N ARG B 21 -4.88 -5.95 17.74
CA ARG B 21 -4.20 -7.07 18.38
C ARG B 21 -3.23 -7.73 17.40
N ALA B 22 -3.69 -7.99 16.17
CA ALA B 22 -2.81 -8.55 15.14
C ALA B 22 -1.69 -7.60 14.77
N ILE B 23 -1.97 -6.29 14.70
CA ILE B 23 -0.90 -5.32 14.44
C ILE B 23 0.15 -5.40 15.53
N ALA B 24 -0.31 -5.52 16.79
CA ALA B 24 0.60 -5.59 17.92
C ALA B 24 1.41 -6.89 17.92
N GLY B 25 0.74 -8.03 17.77
CA GLY B 25 1.46 -9.28 17.59
C GLY B 25 2.46 -9.21 16.44
N THR B 26 1.99 -8.78 15.26
CA THR B 26 2.81 -8.74 14.05
C THR B 26 3.99 -7.80 14.22
N PHE B 27 3.77 -6.63 14.82
CA PHE B 27 4.87 -5.68 15.04
C PHE B 27 5.91 -6.24 16.01
N ALA B 28 5.50 -7.14 16.91
CA ALA B 28 6.46 -7.74 17.83
C ALA B 28 7.33 -8.76 17.10
N LYS B 29 6.70 -9.70 16.40
CA LYS B 29 7.46 -10.73 15.71
C LYS B 29 8.36 -10.16 14.63
N ALA B 30 8.08 -8.96 14.13
CA ALA B 30 9.01 -8.22 13.26
C ALA B 30 10.10 -7.57 14.05
N GLY B 31 10.15 -7.82 15.35
CA GLY B 31 11.20 -7.30 16.19
C GLY B 31 11.03 -5.87 16.62
N ALA B 32 9.81 -5.43 16.90
CA ALA B 32 9.59 -4.17 17.57
C ALA B 32 9.20 -4.41 19.03
N SER B 33 9.45 -3.41 19.85
CA SER B 33 9.00 -3.41 21.23
C SER B 33 7.66 -2.68 21.28
N VAL B 34 6.63 -3.36 21.78
CA VAL B 34 5.25 -2.91 21.66
C VAL B 34 4.72 -2.42 22.99
N VAL B 35 4.03 -1.28 22.95
CA VAL B 35 3.26 -0.80 24.07
C VAL B 35 1.80 -1.02 23.71
N VAL B 36 1.24 -2.17 24.11
CA VAL B 36 -0.17 -2.48 23.85
C VAL B 36 -1.06 -1.59 24.70
N THR B 37 -2.23 -1.27 24.17
CA THR B 37 -3.10 -0.24 24.71
C THR B 37 -4.55 -0.58 24.38
N ASP B 38 -5.46 -0.25 25.29
CA ASP B 38 -6.86 -0.51 25.05
C ASP B 38 -7.66 0.23 26.09
N LEU B 39 -8.95 0.37 25.78
CA LEU B 39 -9.89 0.94 26.75
C LEU B 39 -10.05 0.00 27.94
N LYS B 40 -10.14 -1.30 27.67
CA LYS B 40 -10.25 -2.31 28.71
C LYS B 40 -8.84 -2.74 29.14
N SER B 41 -8.52 -2.51 30.43
CA SER B 41 -7.15 -2.75 30.89
C SER B 41 -6.79 -4.23 30.85
N GLU B 42 -7.75 -5.12 31.13
CA GLU B 42 -7.46 -6.54 31.06
C GLU B 42 -6.99 -6.93 29.66
N GLY B 43 -7.66 -6.40 28.63
CA GLY B 43 -7.37 -6.80 27.27
C GLY B 43 -5.99 -6.37 26.80
N ALA B 44 -5.56 -5.16 27.20
CA ALA B 44 -4.23 -4.71 26.83
C ALA B 44 -3.16 -5.63 27.42
N GLU B 45 -3.32 -6.00 28.68
CA GLU B 45 -2.33 -6.86 29.32
C GLU B 45 -2.40 -8.28 28.76
N ALA B 46 -3.58 -8.80 28.44
CA ALA B 46 -3.62 -10.12 27.84
C ALA B 46 -2.73 -10.20 26.60
N VAL B 47 -2.79 -9.19 25.72
CA VAL B 47 -2.05 -9.26 24.47
C VAL B 47 -0.57 -8.97 24.70
N ALA B 48 -0.26 -7.98 25.54
CA ALA B 48 1.14 -7.72 25.90
C ALA B 48 1.78 -8.96 26.53
N ALA B 49 1.02 -9.74 27.27
CA ALA B 49 1.59 -10.91 27.92
C ALA B 49 1.85 -12.03 26.92
N ALA B 50 0.85 -12.36 26.12
CA ALA B 50 1.02 -13.38 25.09
C ALA B 50 2.17 -13.04 24.14
N ILE B 51 2.42 -11.74 23.91
CA ILE B 51 3.60 -11.35 23.15
C ILE B 51 4.87 -11.77 23.86
N ARG B 52 4.93 -11.60 25.19
CA ARG B 52 6.15 -11.96 25.92
C ARG B 52 6.37 -13.46 25.97
N GLN B 53 5.35 -14.26 26.23
CA GLN B 53 5.57 -15.69 26.29
C GLN B 53 5.76 -16.29 24.90
N ALA B 54 5.88 -15.42 23.89
CA ALA B 54 6.20 -15.83 22.53
C ALA B 54 7.49 -15.20 22.02
N GLY B 55 8.22 -14.45 22.84
CA GLY B 55 9.59 -14.07 22.55
C GLY B 55 9.83 -12.57 22.49
N GLY B 56 8.78 -11.79 22.24
CA GLY B 56 8.93 -10.36 22.04
C GLY B 56 8.91 -9.59 23.34
N LYS B 57 9.14 -8.29 23.21
CA LYS B 57 9.09 -7.36 24.32
C LYS B 57 7.80 -6.54 24.23
N ALA B 58 7.01 -6.52 25.32
CA ALA B 58 5.75 -5.79 25.29
C ALA B 58 5.22 -5.55 26.71
N ILE B 59 4.75 -4.31 26.93
CA ILE B 59 3.93 -3.95 28.08
C ILE B 59 2.56 -3.49 27.59
N GLY B 60 1.55 -3.65 28.45
CA GLY B 60 0.20 -3.19 28.14
C GLY B 60 -0.49 -2.40 29.25
N LEU B 61 -1.00 -1.22 28.94
CA LEU B 61 -1.70 -0.38 29.91
C LEU B 61 -3.06 0.06 29.39
N GLU B 62 -3.94 0.39 30.32
CA GLU B 62 -5.25 0.92 29.99
C GLU B 62 -5.14 2.30 29.35
N CYS B 63 -5.92 2.54 28.28
CA CYS B 63 -5.93 3.87 27.67
C CYS B 63 -7.29 4.19 27.05
N ASN B 64 -7.91 5.24 27.57
CA ASN B 64 -9.03 5.90 26.92
C ASN B 64 -8.42 7.04 26.11
N VAL B 65 -8.33 6.84 24.78
CA VAL B 65 -7.63 7.79 23.91
C VAL B 65 -8.24 9.20 23.94
N THR B 66 -9.45 9.34 24.49
CA THR B 66 -10.07 10.66 24.62
C THR B 66 -9.68 11.35 25.91
N ASP B 67 -9.07 10.64 26.84
CA ASP B 67 -8.60 11.18 28.11
C ASP B 67 -7.16 11.70 27.94
N GLU B 68 -6.96 13.02 28.12
CA GLU B 68 -5.62 13.59 27.91
C GLU B 68 -4.60 13.06 28.92
N GLN B 69 -5.04 12.70 30.12
CA GLN B 69 -4.13 12.06 31.08
C GLN B 69 -3.74 10.66 30.64
N HIS B 70 -4.72 9.88 30.15
CA HIS B 70 -4.43 8.53 29.69
C HIS B 70 -3.49 8.54 28.50
N ARG B 71 -3.63 9.54 27.62
CA ARG B 71 -2.71 9.68 26.49
C ARG B 71 -1.28 9.92 26.96
N GLU B 72 -1.10 10.89 27.86
CA GLU B 72 0.22 11.22 28.37
C GLU B 72 0.84 10.11 29.20
N ALA B 73 0.00 9.25 29.79
CA ALA B 73 0.50 8.09 30.51
C ALA B 73 1.12 7.08 29.55
N VAL B 74 0.51 6.90 28.38
CA VAL B 74 1.02 5.93 27.41
C VAL B 74 2.37 6.40 26.85
N ILE B 75 2.43 7.67 26.43
CA ILE B 75 3.68 8.26 25.98
C ILE B 75 4.77 8.07 27.02
N LYS B 76 4.46 8.38 28.29
CA LYS B 76 5.45 8.23 29.35
C LYS B 76 5.75 6.76 29.64
N ALA B 77 4.74 5.89 29.62
CA ALA B 77 5.03 4.50 29.89
C ALA B 77 5.97 3.91 28.84
N ALA B 78 5.88 4.42 27.61
CA ALA B 78 6.74 3.90 26.54
C ALA B 78 8.15 4.44 26.66
N LEU B 79 8.28 5.75 26.91
CA LEU B 79 9.62 6.31 27.11
C LEU B 79 10.30 5.72 28.34
N ASP B 80 9.54 5.57 29.44
CA ASP B 80 10.10 5.05 30.69
C ASP B 80 10.61 3.62 30.55
N GLN B 81 9.91 2.79 29.78
CA GLN B 81 10.22 1.38 29.66
C GLN B 81 11.06 1.05 28.43
N PHE B 82 11.14 1.95 27.45
CA PHE B 82 11.84 1.60 26.22
C PHE B 82 12.77 2.69 25.68
N GLY B 83 12.66 3.93 26.14
CA GLY B 83 13.64 4.94 25.84
C GLY B 83 13.27 5.87 24.70
N LYS B 84 12.50 5.38 23.73
CA LYS B 84 12.12 6.21 22.59
C LYS B 84 10.75 5.79 22.09
N ILE B 85 10.21 6.58 21.16
CA ILE B 85 9.04 6.18 20.41
C ILE B 85 9.33 6.39 18.92
N THR B 86 9.14 5.32 18.11
CA THR B 86 9.30 5.42 16.66
C THR B 86 8.06 5.09 15.85
N VAL B 87 7.10 4.35 16.40
CA VAL B 87 5.90 3.97 15.66
C VAL B 87 4.68 4.24 16.53
N LEU B 88 3.71 4.99 15.98
CA LEU B 88 2.39 5.16 16.58
C LEU B 88 1.34 4.60 15.63
N VAL B 89 0.59 3.59 16.07
CA VAL B 89 -0.53 3.06 15.31
C VAL B 89 -1.81 3.46 16.04
N ASN B 90 -2.56 4.38 15.46
CA ASN B 90 -3.81 4.84 16.06
C ASN B 90 -4.94 3.93 15.60
N ASN B 91 -5.23 2.89 16.38
CA ASN B 91 -6.32 1.96 16.07
C ASN B 91 -7.57 2.19 16.93
N ALA B 92 -7.57 3.14 17.85
CA ALA B 92 -8.76 3.35 18.67
C ALA B 92 -9.76 4.22 17.92
N GLY B 93 -11.03 3.89 18.07
CA GLY B 93 -12.09 4.55 17.33
C GLY B 93 -13.32 3.69 17.35
N GLY B 94 -14.43 4.29 16.95
CA GLY B 94 -15.67 3.55 16.85
C GLY B 94 -16.76 4.33 16.14
N GLY B 95 -17.99 3.90 16.35
CA GLY B 95 -19.15 4.50 15.73
C GLY B 95 -19.73 3.60 14.64
N GLY B 96 -20.76 4.12 13.99
CA GLY B 96 -21.48 3.38 12.97
C GLY B 96 -22.82 4.03 12.68
N PRO B 97 -23.73 3.28 12.08
CA PRO B 97 -24.94 3.89 11.51
C PRO B 97 -25.78 4.59 12.56
N LYS B 98 -26.01 5.89 12.35
CA LYS B 98 -26.85 6.70 13.21
C LYS B 98 -27.82 7.49 12.34
N PRO B 99 -29.00 7.82 12.86
CA PRO B 99 -29.95 8.64 12.08
C PRO B 99 -29.44 10.06 11.92
N PHE B 100 -29.95 10.73 10.88
CA PHE B 100 -29.54 12.10 10.59
C PHE B 100 -29.90 13.04 11.73
N ASP B 101 -31.04 12.79 12.38
CA ASP B 101 -31.50 13.61 13.50
C ASP B 101 -30.86 13.19 14.82
N MET B 102 -29.79 12.42 14.78
CA MET B 102 -29.03 12.01 15.95
C MET B 102 -28.77 13.19 16.89
N PRO B 103 -28.72 12.95 18.21
CA PRO B 103 -28.41 14.04 19.13
C PRO B 103 -27.02 14.57 18.86
N MET B 104 -26.86 15.88 19.06
CA MET B 104 -25.61 16.55 18.67
C MET B 104 -24.41 15.88 19.32
N SER B 105 -24.54 15.49 20.58
CA SER B 105 -23.42 14.83 21.26
C SER B 105 -23.00 13.54 20.56
N ASP B 106 -23.95 12.80 19.98
CA ASP B 106 -23.56 11.64 19.19
C ASP B 106 -22.64 12.04 18.05
N PHE B 107 -23.02 13.10 17.33
CA PHE B 107 -22.22 13.60 16.22
C PHE B 107 -20.87 14.08 16.74
N GLU B 108 -20.88 14.85 17.83
CA GLU B 108 -19.63 15.41 18.34
C GLU B 108 -18.73 14.32 18.87
N TRP B 109 -19.29 13.33 19.59
CA TRP B 109 -18.52 12.19 20.07
C TRP B 109 -17.71 11.48 18.97
N ALA B 110 -18.37 11.12 17.87
CA ALA B 110 -17.70 10.53 16.73
C ALA B 110 -16.42 11.32 16.37
N PHE B 111 -16.45 12.64 16.50
CA PHE B 111 -15.23 13.36 16.16
C PHE B 111 -14.22 13.35 17.30
N LYS B 112 -14.69 13.44 18.56
CA LYS B 112 -13.79 13.27 19.70
C LYS B 112 -13.10 11.92 19.63
N LEU B 113 -13.88 10.88 19.36
CA LEU B 113 -13.35 9.52 19.38
C LEU B 113 -12.44 9.26 18.19
N ASN B 114 -12.92 9.53 16.98
CA ASN B 114 -12.24 9.07 15.78
C ASN B 114 -11.17 10.04 15.29
N LEU B 115 -11.21 11.31 15.71
CA LEU B 115 -10.30 12.29 15.14
C LEU B 115 -9.53 13.08 16.19
N PHE B 116 -10.25 13.62 17.19
CA PHE B 116 -9.58 14.44 18.19
C PHE B 116 -8.57 13.63 18.99
N SER B 117 -8.88 12.36 19.23
CA SER B 117 -7.99 11.53 20.02
C SER B 117 -6.67 11.27 19.28
N LEU B 118 -6.74 10.80 18.02
CA LEU B 118 -5.52 10.37 17.34
C LEU B 118 -4.69 11.55 16.87
N PHE B 119 -5.32 12.69 16.58
CA PHE B 119 -4.54 13.90 16.35
C PHE B 119 -3.70 14.22 17.57
N ARG B 120 -4.28 14.10 18.77
CA ARG B 120 -3.56 14.52 19.95
C ARG B 120 -2.43 13.54 20.26
N LEU B 121 -2.68 12.23 20.14
CA LEU B 121 -1.61 11.25 20.33
C LEU B 121 -0.46 11.51 19.37
N SER B 122 -0.76 11.80 18.11
CA SER B 122 0.27 12.14 17.16
C SER B 122 1.03 13.39 17.61
N GLN B 123 0.31 14.43 18.04
CA GLN B 123 0.95 15.64 18.57
C GLN B 123 1.92 15.34 19.69
N LEU B 124 1.65 14.32 20.49
CA LEU B 124 2.53 13.97 21.61
C LEU B 124 3.71 13.14 21.14
N ALA B 125 3.45 12.11 20.32
CA ALA B 125 4.51 11.22 19.87
C ALA B 125 5.45 11.92 18.89
N ALA B 126 4.97 12.94 18.19
CA ALA B 126 5.78 13.55 17.13
C ALA B 126 7.14 14.05 17.63
N PRO B 127 7.24 14.88 18.66
CA PRO B 127 8.57 15.39 19.04
C PRO B 127 9.49 14.31 19.58
N HIS B 128 8.96 13.24 20.18
CA HIS B 128 9.82 12.13 20.58
C HIS B 128 10.31 11.34 19.38
N MET B 129 9.43 11.13 18.39
CA MET B 129 9.86 10.59 17.10
C MET B 129 10.98 11.41 16.49
N GLN B 130 10.80 12.74 16.40
CA GLN B 130 11.84 13.61 15.86
C GLN B 130 13.19 13.38 16.54
N LYS B 131 13.20 13.34 17.88
CA LYS B 131 14.46 13.12 18.58
C LYS B 131 15.10 11.78 18.22
N ALA B 132 14.29 10.76 17.97
CA ALA B 132 14.85 9.46 17.65
C ALA B 132 15.26 9.35 16.18
N GLY B 133 15.24 10.46 15.44
CA GLY B 133 15.62 10.45 14.04
C GLY B 133 14.44 10.45 13.11
N GLY B 134 13.43 9.69 13.46
CA GLY B 134 12.19 9.70 12.70
C GLY B 134 11.28 8.59 13.16
N GLY B 135 10.20 8.43 12.42
CA GLY B 135 9.20 7.44 12.80
C GLY B 135 8.05 7.45 11.83
N ALA B 136 7.09 6.56 12.12
CA ALA B 136 5.94 6.34 11.24
C ALA B 136 4.66 6.37 12.06
N ILE B 137 3.67 7.14 11.58
CA ILE B 137 2.32 7.18 12.16
C ILE B 137 1.36 6.47 11.21
N LEU B 138 0.48 5.63 11.77
CA LEU B 138 -0.51 4.89 11.00
C LEU B 138 -1.88 5.04 11.65
N ASN B 139 -2.83 5.58 10.92
CA ASN B 139 -4.19 5.73 11.43
C ASN B 139 -5.07 4.69 10.78
N ILE B 140 -5.81 3.94 11.59
CA ILE B 140 -6.78 2.97 11.07
C ILE B 140 -8.07 3.74 10.79
N SER B 141 -8.31 4.06 9.53
CA SER B 141 -9.53 4.75 9.17
C SER B 141 -10.73 3.82 9.11
N SER B 142 -11.48 3.93 8.02
CA SER B 142 -12.67 3.13 7.75
C SER B 142 -13.08 3.38 6.31
N MET B 143 -13.75 2.40 5.74
CA MET B 143 -14.12 2.58 4.34
C MET B 143 -15.23 3.61 4.19
N ALA B 144 -16.00 3.87 5.24
CA ALA B 144 -16.98 4.93 5.20
C ALA B 144 -16.36 6.30 4.91
N GLY B 145 -15.04 6.43 5.02
CA GLY B 145 -14.40 7.72 4.76
C GLY B 145 -14.42 8.13 3.30
N GLU B 146 -14.30 7.16 2.39
CA GLU B 146 -14.37 7.46 0.96
C GLU B 146 -15.65 6.93 0.31
N ASN B 147 -16.64 6.52 1.09
CA ASN B 147 -17.93 6.13 0.51
C ASN B 147 -19.00 7.12 0.93
N THR B 148 -20.20 6.92 0.40
CA THR B 148 -21.34 7.79 0.66
C THR B 148 -22.55 6.89 0.83
N ASN B 149 -23.32 7.12 1.86
CA ASN B 149 -24.49 6.28 2.10
C ASN B 149 -25.33 6.87 3.21
N VAL B 150 -26.40 6.17 3.49
CA VAL B 150 -27.37 6.62 4.48
C VAL B 150 -26.79 6.36 5.87
N ARG B 151 -27.31 7.10 6.86
CA ARG B 151 -26.99 6.88 8.27
C ARG B 151 -25.49 6.99 8.55
N MET B 152 -24.78 7.81 7.76
CA MET B 152 -23.32 7.90 7.79
C MET B 152 -22.84 9.29 8.21
N ALA B 153 -23.73 10.11 8.76
CA ALA B 153 -23.41 11.51 8.99
C ALA B 153 -22.18 11.67 9.88
N SER B 154 -22.21 11.07 11.08
CA SER B 154 -21.08 11.20 11.99
C SER B 154 -19.97 10.21 11.66
N TYR B 155 -20.32 8.97 11.32
CA TYR B 155 -19.27 7.99 11.10
C TYR B 155 -18.48 8.31 9.83
N GLY B 156 -19.17 8.49 8.71
CA GLY B 156 -18.48 8.60 7.45
C GLY B 156 -17.76 9.92 7.31
N SER B 157 -18.25 10.97 7.95
CA SER B 157 -17.54 12.22 7.83
C SER B 157 -16.49 12.40 8.92
N SER B 158 -16.56 11.64 10.02
CA SER B 158 -15.42 11.72 10.93
C SER B 158 -14.26 10.89 10.43
N LYS B 159 -14.54 9.77 9.75
CA LYS B 159 -13.47 8.99 9.16
C LYS B 159 -12.97 9.62 7.87
N ALA B 160 -13.80 10.43 7.21
CA ALA B 160 -13.29 11.26 6.13
C ALA B 160 -12.25 12.23 6.66
N ALA B 161 -12.51 12.84 7.82
CA ALA B 161 -11.56 13.80 8.38
C ALA B 161 -10.25 13.11 8.78
N VAL B 162 -10.32 11.84 9.19
CA VAL B 162 -9.09 11.10 9.48
C VAL B 162 -8.25 10.96 8.22
N ASN B 163 -8.89 10.57 7.12
CA ASN B 163 -8.21 10.47 5.83
C ASN B 163 -7.55 11.80 5.44
N HIS B 164 -8.28 12.90 5.53
CA HIS B 164 -7.69 14.12 5.03
C HIS B 164 -6.64 14.69 5.99
N LEU B 165 -6.82 14.48 7.31
CA LEU B 165 -5.76 14.82 8.25
C LEU B 165 -4.47 14.08 7.89
N THR B 166 -4.59 12.79 7.61
CA THR B 166 -3.43 12.02 7.23
C THR B 166 -2.77 12.61 6.01
N ARG B 167 -3.55 13.04 5.03
CA ARG B 167 -2.96 13.58 3.82
C ARG B 167 -2.29 14.92 4.08
N ASN B 168 -2.80 15.67 5.06
CA ASN B 168 -2.28 17.00 5.29
C ASN B 168 -1.11 17.00 6.26
N ILE B 169 -1.24 16.30 7.39
CA ILE B 169 -0.20 16.45 8.38
C ILE B 169 1.11 15.82 7.95
N ALA B 170 1.12 14.99 6.90
CA ALA B 170 2.41 14.50 6.44
C ALA B 170 3.28 15.64 5.94
N PHE B 171 2.67 16.74 5.47
CA PHE B 171 3.47 17.93 5.16
C PHE B 171 4.09 18.52 6.42
N ASP B 172 3.34 18.50 7.52
CA ASP B 172 3.84 19.07 8.75
C ASP B 172 4.95 18.21 9.37
N VAL B 173 4.85 16.90 9.27
CA VAL B 173 5.73 16.01 10.03
C VAL B 173 6.79 15.34 9.16
N GLY B 174 6.83 15.67 7.87
CA GLY B 174 7.86 15.15 6.99
C GLY B 174 9.21 15.76 7.29
N PRO B 175 9.27 17.10 7.32
CA PRO B 175 10.50 17.77 7.75
C PRO B 175 11.12 17.21 9.02
N MET B 176 10.35 16.63 9.93
CA MET B 176 10.91 16.01 11.12
C MET B 176 11.20 14.52 10.92
N GLY B 177 11.13 14.03 9.69
CA GLY B 177 11.40 12.63 9.45
C GLY B 177 10.28 11.71 9.87
N ILE B 178 9.04 12.17 9.95
CA ILE B 178 7.91 11.31 10.27
C ILE B 178 7.06 11.09 9.02
N ARG B 179 6.70 9.83 8.79
CA ARG B 179 5.74 9.46 7.78
C ARG B 179 4.39 9.16 8.42
N VAL B 180 3.30 9.51 7.72
CA VAL B 180 1.93 9.36 8.22
C VAL B 180 1.08 8.75 7.12
N ASN B 181 0.52 7.58 7.39
CA ASN B 181 -0.39 6.97 6.43
C ASN B 181 -1.62 6.41 7.13
N ALA B 182 -2.47 5.75 6.35
CA ALA B 182 -3.73 5.24 6.85
C ALA B 182 -4.12 4.00 6.06
N ILE B 183 -4.67 3.01 6.76
CA ILE B 183 -5.34 1.88 6.15
C ILE B 183 -6.85 2.00 6.38
N ALA B 184 -7.62 1.72 5.34
CA ALA B 184 -9.08 1.58 5.42
C ALA B 184 -9.42 0.11 5.22
N PRO B 185 -9.77 -0.62 6.28
CA PRO B 185 -9.97 -2.07 6.16
C PRO B 185 -11.39 -2.47 5.78
N GLY B 186 -11.49 -3.51 4.96
CA GLY B 186 -12.76 -4.13 4.67
C GLY B 186 -13.28 -4.87 5.90
N ALA B 187 -14.31 -5.68 5.68
CA ALA B 187 -14.90 -6.41 6.78
C ALA B 187 -14.03 -7.61 7.12
N ILE B 188 -13.84 -7.86 8.42
CA ILE B 188 -12.93 -8.90 8.92
C ILE B 188 -13.74 -10.00 9.60
N LYS B 189 -13.38 -11.27 9.33
CA LYS B 189 -13.90 -12.37 10.12
C LYS B 189 -13.55 -12.18 11.59
N THR B 190 -14.56 -12.01 12.43
CA THR B 190 -14.35 -11.88 13.87
C THR B 190 -15.21 -12.90 14.62
N ASP B 191 -16.54 -12.66 14.64
CA ASP B 191 -17.54 -13.37 15.44
C ASP B 191 -16.95 -14.00 16.70
N ALA B 192 -16.21 -13.20 17.47
CA ALA B 192 -15.56 -13.63 18.69
C ALA B 192 -15.13 -12.38 19.44
N THR B 198 -22.77 -16.53 10.75
CA THR B 198 -23.65 -17.53 10.18
C THR B 198 -23.55 -17.46 8.64
N PRO B 199 -23.84 -18.57 7.94
CA PRO B 199 -23.32 -18.75 6.57
C PRO B 199 -24.07 -18.03 5.47
N GLU B 200 -25.38 -17.81 5.63
CA GLU B 200 -26.15 -17.26 4.52
C GLU B 200 -26.01 -15.74 4.44
N ILE B 201 -26.03 -15.06 5.58
CA ILE B 201 -25.76 -13.62 5.61
C ILE B 201 -24.31 -13.32 5.25
N GLU B 202 -23.41 -14.31 5.38
CA GLU B 202 -22.03 -14.14 4.91
C GLU B 202 -21.97 -14.20 3.38
N ARG B 203 -22.58 -15.22 2.78
CA ARG B 203 -22.52 -15.37 1.33
C ARG B 203 -23.09 -14.16 0.61
N ALA B 204 -23.95 -13.39 1.26
CA ALA B 204 -24.48 -12.18 0.64
C ALA B 204 -23.49 -11.02 0.72
N MET B 205 -22.76 -10.94 1.84
CA MET B 205 -21.78 -9.86 2.04
C MET B 205 -20.71 -9.89 0.96
N LEU B 206 -20.32 -11.07 0.52
CA LEU B 206 -19.30 -11.23 -0.50
C LEU B 206 -19.79 -10.98 -1.92
N LYS B 207 -21.05 -10.57 -2.08
CA LYS B 207 -21.55 -10.28 -3.43
C LYS B 207 -20.87 -9.07 -4.05
N HIS B 208 -20.08 -8.34 -3.27
CA HIS B 208 -19.42 -7.15 -3.77
C HIS B 208 -17.93 -7.11 -3.43
N LYS B 209 -17.33 -8.24 -3.06
CA LYS B 209 -15.91 -8.31 -2.74
C LYS B 209 -15.20 -9.17 -3.78
N PRO B 210 -14.64 -8.57 -4.85
CA PRO B 210 -14.06 -9.35 -5.96
C PRO B 210 -13.20 -10.56 -5.58
N LEU B 211 -12.48 -10.51 -4.47
CA LEU B 211 -11.62 -11.64 -4.11
C LEU B 211 -12.38 -12.78 -3.42
N GLY B 212 -13.61 -12.56 -2.99
CA GLY B 212 -14.46 -13.68 -2.60
C GLY B 212 -14.28 -14.27 -1.22
N ARG B 213 -13.64 -13.56 -0.29
CA ARG B 213 -13.56 -14.01 1.09
C ARG B 213 -13.62 -12.80 1.99
N LEU B 214 -13.80 -13.05 3.28
CA LEU B 214 -13.71 -11.93 4.19
C LEU B 214 -12.24 -11.68 4.49
N GLY B 215 -11.99 -10.62 5.22
CA GLY B 215 -10.65 -10.32 5.63
C GLY B 215 -10.25 -11.06 6.89
N GLU B 216 -8.94 -11.16 7.07
CA GLU B 216 -8.32 -11.64 8.29
C GLU B 216 -7.61 -10.47 8.94
N ALA B 217 -7.64 -10.42 10.28
CA ALA B 217 -6.84 -9.42 10.98
C ALA B 217 -5.41 -9.39 10.46
N GLN B 218 -4.83 -10.57 10.20
CA GLN B 218 -3.46 -10.63 9.68
C GLN B 218 -3.33 -9.85 8.39
N ASP B 219 -4.39 -9.86 7.56
CA ASP B 219 -4.36 -9.12 6.30
C ASP B 219 -4.15 -7.63 6.53
N ILE B 220 -4.77 -7.08 7.58
CA ILE B 220 -4.57 -5.68 7.89
C ILE B 220 -3.17 -5.46 8.49
N ALA B 221 -2.69 -6.43 9.28
CA ALA B 221 -1.42 -6.27 9.98
C ALA B 221 -0.23 -6.26 9.01
N ASN B 222 -0.27 -7.07 7.96
CA ASN B 222 0.80 -7.02 6.98
C ASN B 222 0.85 -5.65 6.30
N ALA B 223 -0.29 -5.10 5.91
CA ALA B 223 -0.30 -3.76 5.34
C ALA B 223 0.20 -2.74 6.37
N ALA B 224 -0.23 -2.89 7.62
CA ALA B 224 0.29 -2.04 8.69
C ALA B 224 1.80 -2.19 8.82
N LEU B 225 2.28 -3.43 8.80
CA LEU B 225 3.71 -3.70 8.80
C LEU B 225 4.42 -2.96 7.68
N PHE B 226 4.01 -3.22 6.43
CA PHE B 226 4.67 -2.59 5.29
C PHE B 226 4.72 -1.09 5.46
N LEU B 227 3.60 -0.49 5.85
CA LEU B 227 3.51 0.96 5.89
C LEU B 227 4.36 1.56 7.00
N CYS B 228 4.77 0.76 7.98
CA CYS B 228 5.52 1.26 9.11
C CYS B 228 6.97 0.82 9.10
N SER B 229 7.34 -0.05 8.18
CA SER B 229 8.72 -0.51 8.04
C SER B 229 9.49 0.43 7.13
N PRO B 230 10.82 0.32 7.11
CA PRO B 230 11.58 1.13 6.13
C PRO B 230 11.34 0.70 4.71
N ALA B 231 10.82 -0.52 4.46
CA ALA B 231 10.35 -0.91 3.13
C ALA B 231 9.41 0.14 2.53
N ALA B 232 8.69 0.87 3.36
CA ALA B 232 7.89 2.01 2.92
C ALA B 232 8.55 3.33 3.29
N ALA B 233 9.89 3.38 3.22
CA ALA B 233 10.65 4.59 3.60
C ALA B 233 10.14 5.86 2.93
N TRP B 234 9.57 5.77 1.72
CA TRP B 234 9.25 6.98 0.98
C TRP B 234 7.75 7.16 0.74
N ILE B 235 6.91 6.44 1.46
CA ILE B 235 5.45 6.56 1.33
C ILE B 235 4.91 7.39 2.49
N SER B 236 4.24 8.50 2.17
CA SER B 236 3.56 9.29 3.20
C SER B 236 2.33 9.97 2.63
N GLY B 237 1.37 10.23 3.48
CA GLY B 237 0.13 10.85 3.05
C GLY B 237 -0.87 9.96 2.34
N GLN B 238 -0.65 8.64 2.35
CA GLN B 238 -1.44 7.69 1.58
C GLN B 238 -2.57 7.08 2.40
N VAL B 239 -3.69 6.81 1.72
CA VAL B 239 -4.82 6.10 2.29
C VAL B 239 -4.95 4.80 1.50
N LEU B 240 -4.55 3.69 2.09
CA LEU B 240 -4.54 2.41 1.39
C LEU B 240 -5.75 1.61 1.83
N THR B 241 -6.62 1.25 0.89
CA THR B 241 -7.79 0.44 1.21
C THR B 241 -7.45 -1.04 1.10
N VAL B 242 -7.83 -1.82 2.12
CA VAL B 242 -7.46 -3.23 2.21
C VAL B 242 -8.78 -3.98 2.42
N SER B 243 -9.41 -4.39 1.32
CA SER B 243 -10.77 -4.93 1.38
C SER B 243 -11.09 -5.89 0.25
N GLY B 244 -10.11 -6.65 -0.23
CA GLY B 244 -10.33 -7.57 -1.32
C GLY B 244 -10.95 -6.95 -2.56
N GLY B 245 -10.67 -5.68 -2.79
CA GLY B 245 -11.08 -5.05 -4.02
C GLY B 245 -12.48 -4.48 -4.04
N GLY B 246 -13.21 -4.52 -2.94
CA GLY B 246 -14.59 -4.05 -2.97
C GLY B 246 -15.07 -3.27 -1.76
N VAL B 247 -16.36 -3.42 -1.41
CA VAL B 247 -17.01 -2.79 -0.25
C VAL B 247 -18.04 -3.80 0.29
N GLN B 248 -18.45 -3.62 1.54
CA GLN B 248 -19.35 -4.57 2.14
C GLN B 248 -20.39 -3.89 3.04
N GLU B 249 -21.51 -4.59 3.22
CA GLU B 249 -22.54 -4.24 4.19
C GLU B 249 -23.05 -2.81 4.00
C1 EDO C . 5.17 5.68 -32.83
O1 EDO C . 6.49 5.10 -32.81
C2 EDO C . 5.19 7.08 -32.23
O2 EDO C . 3.98 7.78 -32.56
C1 EDO D . -25.31 10.31 24.12
O1 EDO D . -24.23 10.81 23.32
C2 EDO D . -25.44 8.80 23.95
O2 EDO D . -25.58 8.17 25.23
#